data_5INT
#
_entry.id   5INT
#
_cell.length_a   133.173
_cell.length_b   133.173
_cell.length_c   55.765
_cell.angle_alpha   90.00
_cell.angle_beta   90.00
_cell.angle_gamma   90.00
#
_symmetry.space_group_name_H-M   'P 4 21 2'
#
loop_
_entity.id
_entity.type
_entity.pdbx_description
1 polymer 'Phosphopantothenate--cysteine ligase'
2 water water
#
_entity_poly.entity_id   1
_entity_poly.type   'polypeptide(L)'
_entity_poly.pdbx_seq_one_letter_code
;SNALQGKRILITAGPTREKIDPVRF(MSE)TNFSSGK(MSE)GYAIAEVAVNLGAEVILVSGPTALNPPLHVTTVQVESA
QD(MSE)LEAVIQHYQNVDVVIKTAAVADYRPKYVHDNK(MSE)KKKNGDAVIELERTVDILKTLGE(MSE)KDKQLLIG
FAAETTNVEEYATKKLREKNAN(MSE)IVANDVKAQGAGFGTDTNIVT(MSE)YRKDGEVIELPLLTKKEVAREILKQIE
(MSE)(MSE)LEDDRL
;
_entity_poly.pdbx_strand_id   A,B
#
# COMPACT_ATOMS: atom_id res chain seq x y z
N SER A 1 16.12 19.69 26.73
CA SER A 1 15.96 18.36 27.26
C SER A 1 14.52 17.89 27.19
N ASN A 2 13.61 18.86 27.14
CA ASN A 2 12.18 18.57 27.05
C ASN A 2 11.53 19.26 25.87
N ALA A 3 12.34 19.62 24.88
CA ALA A 3 11.86 20.35 23.71
C ALA A 3 10.78 19.60 22.94
N LEU A 4 10.93 18.28 22.81
CA LEU A 4 9.96 17.49 22.06
C LEU A 4 9.20 16.53 22.98
N GLN A 5 8.90 17.00 24.18
CA GLN A 5 8.23 16.17 25.19
C GLN A 5 6.82 15.75 24.75
N GLY A 6 6.58 14.45 24.73
CA GLY A 6 5.28 13.92 24.38
C GLY A 6 5.04 13.80 22.89
N LYS A 7 6.01 14.20 22.09
CA LYS A 7 5.90 14.14 20.64
C LYS A 7 6.28 12.77 20.10
N ARG A 8 5.34 12.14 19.40
CA ARG A 8 5.61 10.84 18.77
C ARG A 8 6.27 11.04 17.41
N ILE A 9 7.49 10.54 17.27
CA ILE A 9 8.24 10.67 16.04
C ILE A 9 8.65 9.32 15.47
N LEU A 10 8.24 9.04 14.23
CA LEU A 10 8.62 7.81 13.56
C LEU A 10 9.73 8.08 12.54
N ILE A 11 10.74 7.22 12.55
CA ILE A 11 11.88 7.38 11.65
C ILE A 11 12.17 6.09 10.88
N THR A 12 12.34 6.22 9.57
CA THR A 12 12.78 5.09 8.75
C THR A 12 14.27 5.26 8.45
N ALA A 13 15.02 4.17 8.49
CA ALA A 13 16.46 4.23 8.28
C ALA A 13 17.00 2.94 7.69
N GLY A 14 18.17 3.03 7.06
CA GLY A 14 18.84 1.87 6.49
C GLY A 14 18.35 1.55 5.09
N PRO A 15 18.97 0.53 4.47
CA PRO A 15 18.61 0.11 3.12
C PRO A 15 17.47 -0.89 3.11
N THR A 16 16.87 -1.13 1.95
CA THR A 16 15.87 -2.17 1.82
C THR A 16 16.48 -3.39 1.14
N ARG A 17 15.96 -4.57 1.47
CA ARG A 17 16.51 -5.82 0.97
C ARG A 17 15.45 -6.60 0.20
N GLU A 18 15.67 -6.75 -1.11
CA GLU A 18 14.70 -7.41 -1.98
C GLU A 18 15.25 -8.71 -2.55
N LYS A 19 14.56 -9.81 -2.26
CA LYS A 19 15.01 -11.14 -2.67
C LYS A 19 14.96 -11.36 -4.19
N ILE A 20 15.95 -12.07 -4.69
CA ILE A 20 15.97 -12.51 -6.09
C ILE A 20 15.64 -14.00 -6.14
N ASP A 21 16.36 -14.77 -5.33
CA ASP A 21 16.11 -16.20 -5.15
C ASP A 21 16.39 -16.49 -3.67
N PRO A 22 16.11 -17.72 -3.19
CA PRO A 22 16.34 -18.02 -1.77
C PRO A 22 17.72 -17.66 -1.22
N VAL A 23 18.73 -17.56 -2.07
CA VAL A 23 20.08 -17.24 -1.59
C VAL A 23 20.69 -16.01 -2.28
N ARG A 24 19.86 -15.23 -2.97
CA ARG A 24 20.33 -14.00 -3.59
C ARG A 24 19.35 -12.84 -3.39
N PHE A 25 19.88 -11.65 -3.22
CA PHE A 25 19.05 -10.46 -3.06
C PHE A 25 19.79 -9.21 -3.52
N THR A 27 20.25 -4.88 -2.94
CA THR A 27 20.15 -3.89 -1.87
C THR A 27 20.15 -2.47 -2.41
N ASN A 28 19.08 -1.75 -2.13
CA ASN A 28 19.03 -0.32 -2.41
C ASN A 28 19.67 0.43 -1.24
N PHE A 29 20.97 0.66 -1.35
CA PHE A 29 21.78 1.06 -0.21
C PHE A 29 21.42 2.43 0.39
N SER A 30 21.37 2.44 1.72
CA SER A 30 21.24 3.65 2.50
C SER A 30 21.88 3.37 3.87
N SER A 31 22.86 4.20 4.24
CA SER A 31 23.70 3.95 5.42
C SER A 31 22.91 3.61 6.69
N GLY A 32 21.99 4.47 7.07
CA GLY A 32 21.22 4.28 8.28
C GLY A 32 21.75 5.13 9.42
N LYS A 33 22.98 5.60 9.27
CA LYS A 33 23.64 6.41 10.29
C LYS A 33 22.85 7.68 10.61
N GLY A 35 19.55 8.29 10.21
CA GLY A 35 18.31 7.96 10.90
C GLY A 35 18.53 7.59 12.35
N TYR A 36 19.56 6.78 12.62
CA TYR A 36 19.89 6.37 13.98
C TYR A 36 20.37 7.55 14.82
N ALA A 37 21.04 8.49 14.17
CA ALA A 37 21.53 9.69 14.85
C ALA A 37 20.36 10.60 15.25
N ILE A 38 19.40 10.74 14.34
CA ILE A 38 18.21 11.54 14.61
C ILE A 38 17.41 10.92 15.75
N ALA A 39 17.31 9.59 15.74
CA ALA A 39 16.57 8.87 16.77
C ALA A 39 17.16 9.09 18.16
N GLU A 40 18.48 9.13 18.25
CA GLU A 40 19.16 9.33 19.52
C GLU A 40 18.92 10.73 20.06
N VAL A 41 19.10 11.72 19.20
CA VAL A 41 18.91 13.12 19.60
C VAL A 41 17.46 13.37 19.98
N ALA A 42 16.54 12.76 19.24
CA ALA A 42 15.11 12.91 19.51
C ALA A 42 14.73 12.39 20.90
N VAL A 43 15.34 11.27 21.29
CA VAL A 43 15.12 10.71 22.62
C VAL A 43 15.62 11.66 23.70
N ASN A 44 16.80 12.24 23.48
CA ASN A 44 17.38 13.18 24.44
C ASN A 44 16.57 14.47 24.56
N LEU A 45 15.69 14.70 23.59
CA LEU A 45 14.82 15.87 23.63
C LEU A 45 13.45 15.52 24.21
N GLY A 46 13.33 14.28 24.70
CA GLY A 46 12.12 13.84 25.39
C GLY A 46 11.01 13.34 24.49
N ALA A 47 11.34 13.02 23.25
CA ALA A 47 10.34 12.55 22.29
C ALA A 47 10.11 11.05 22.40
N GLU A 48 8.92 10.61 22.02
CA GLU A 48 8.60 9.20 21.92
C GLU A 48 8.98 8.70 20.52
N VAL A 49 10.06 7.94 20.44
CA VAL A 49 10.67 7.62 19.15
C VAL A 49 10.45 6.18 18.67
N ILE A 50 9.95 6.05 17.45
CA ILE A 50 9.81 4.76 16.80
C ILE A 50 10.72 4.68 15.58
N LEU A 51 11.54 3.64 15.52
CA LEU A 51 12.51 3.50 14.44
C LEU A 51 12.25 2.25 13.60
N VAL A 52 11.87 2.46 12.34
CA VAL A 52 11.70 1.36 11.40
C VAL A 52 12.96 1.23 10.56
N SER A 53 13.75 0.20 10.81
CA SER A 53 15.08 0.10 10.22
C SER A 53 15.26 -1.11 9.30
N GLY A 54 15.97 -0.88 8.20
CA GLY A 54 16.42 -1.97 7.34
C GLY A 54 17.70 -2.54 7.93
N PRO A 55 18.25 -3.57 7.28
CA PRO A 55 19.46 -4.25 7.78
C PRO A 55 20.68 -3.33 7.86
N THR A 56 21.11 -3.01 9.08
CA THR A 56 22.30 -2.21 9.29
C THR A 56 23.24 -2.92 10.28
N ALA A 57 24.39 -2.31 10.52
CA ALA A 57 25.33 -2.82 11.52
C ALA A 57 25.23 -1.99 12.79
N LEU A 58 24.21 -1.14 12.85
CA LEU A 58 24.05 -0.20 13.95
C LEU A 58 23.15 -0.75 15.05
N ASN A 59 23.43 -0.35 16.28
CA ASN A 59 22.56 -0.68 17.41
C ASN A 59 21.71 0.52 17.80
N PRO A 60 20.38 0.33 17.87
CA PRO A 60 19.45 1.41 18.20
C PRO A 60 19.73 2.02 19.57
N PRO A 61 19.49 3.33 19.71
CA PRO A 61 19.67 4.02 21.00
C PRO A 61 18.70 3.48 22.05
N LEU A 62 19.01 3.69 23.33
CA LEU A 62 18.12 3.30 24.40
C LEU A 62 16.79 4.01 24.29
N HIS A 63 15.73 3.39 24.80
CA HIS A 63 14.38 3.93 24.85
C HIS A 63 13.75 4.11 23.46
N VAL A 64 14.49 3.79 22.42
CA VAL A 64 13.96 3.83 21.06
C VAL A 64 13.21 2.54 20.76
N THR A 65 11.96 2.68 20.34
CA THR A 65 11.16 1.53 19.94
C THR A 65 11.47 1.18 18.48
N THR A 66 12.22 0.09 18.29
CA THR A 66 12.78 -0.22 16.97
C THR A 66 12.17 -1.47 16.33
N VAL A 67 11.82 -1.35 15.06
CA VAL A 67 11.36 -2.48 14.27
C VAL A 67 12.33 -2.76 13.13
N GLN A 68 12.91 -3.95 13.11
CA GLN A 68 13.85 -4.34 12.07
C GLN A 68 13.14 -5.07 10.94
N VAL A 69 13.23 -4.52 9.73
CA VAL A 69 12.64 -5.14 8.55
C VAL A 69 13.70 -5.34 7.47
N GLU A 70 13.28 -5.90 6.33
CA GLU A 70 14.19 -6.10 5.21
C GLU A 70 13.67 -5.48 3.92
N SER A 71 12.49 -5.89 3.49
CA SER A 71 11.93 -5.44 2.24
C SER A 71 11.26 -4.07 2.36
N ALA A 72 11.11 -3.39 1.23
CA ALA A 72 10.43 -2.10 1.21
C ALA A 72 8.95 -2.26 1.54
N GLN A 73 8.41 -3.42 1.18
CA GLN A 73 7.01 -3.72 1.47
C GLN A 73 6.76 -3.85 2.97
N ASP A 74 7.66 -4.53 3.66
CA ASP A 74 7.54 -4.69 5.10
C ASP A 74 7.75 -3.36 5.82
N LEU A 76 6.91 -0.52 4.53
CA LEU A 76 5.65 0.18 4.27
C LEU A 76 4.60 -0.20 5.30
N GLU A 77 4.42 -1.50 5.51
CA GLU A 77 3.43 -2.00 6.45
C GLU A 77 3.72 -1.54 7.87
N ALA A 78 5.00 -1.47 8.22
CA ALA A 78 5.41 -1.06 9.56
C ALA A 78 5.09 0.41 9.82
N VAL A 79 5.31 1.25 8.81
CA VAL A 79 5.05 2.68 8.94
C VAL A 79 3.55 2.95 9.02
N ILE A 80 2.77 2.28 8.18
CA ILE A 80 1.32 2.43 8.16
C ILE A 80 0.71 2.04 9.51
N GLN A 81 1.28 1.01 10.13
CA GLN A 81 0.82 0.53 11.43
C GLN A 81 0.91 1.59 12.51
N HIS A 82 1.90 2.48 12.38
CA HIS A 82 2.14 3.52 13.39
C HIS A 82 1.70 4.91 12.96
N TYR A 83 1.42 5.07 11.67
CA TYR A 83 1.21 6.40 11.08
C TYR A 83 0.08 7.20 11.75
N GLN A 84 -0.97 6.51 12.16
CA GLN A 84 -2.10 7.17 12.80
C GLN A 84 -1.72 7.74 14.17
N ASN A 85 -0.78 7.08 14.83
CA ASN A 85 -0.45 7.43 16.22
C ASN A 85 0.87 8.17 16.37
N VAL A 86 1.30 8.85 15.30
CA VAL A 86 2.53 9.65 15.36
C VAL A 86 2.28 11.08 14.94
N ASP A 87 3.15 11.98 15.38
CA ASP A 87 3.05 13.39 15.06
C ASP A 87 3.99 13.74 13.91
N VAL A 88 5.13 13.06 13.86
CA VAL A 88 6.16 13.33 12.86
C VAL A 88 6.68 12.04 12.22
N VAL A 89 6.84 12.05 10.90
CA VAL A 89 7.48 10.95 10.20
C VAL A 89 8.70 11.45 9.43
N ILE A 90 9.85 10.85 9.71
CA ILE A 90 11.10 11.25 9.06
C ILE A 90 11.67 10.13 8.20
N LYS A 91 11.52 10.26 6.89
CA LYS A 91 12.03 9.26 5.96
C LYS A 91 13.48 9.57 5.58
N THR A 92 14.41 8.80 6.13
CA THR A 92 15.83 9.02 5.86
C THR A 92 16.36 8.09 4.78
N ALA A 93 15.75 8.17 3.60
CA ALA A 93 16.20 7.40 2.44
C ALA A 93 15.88 8.13 1.15
N ALA A 94 16.89 8.78 0.58
CA ALA A 94 16.72 9.53 -0.65
C ALA A 94 16.50 8.62 -1.85
N VAL A 95 16.90 7.36 -1.71
CA VAL A 95 16.82 6.41 -2.80
C VAL A 95 15.41 5.84 -2.99
N ALA A 96 14.90 5.94 -4.21
CA ALA A 96 13.64 5.29 -4.56
C ALA A 96 13.91 3.80 -4.79
N ASP A 97 13.04 2.94 -4.26
CA ASP A 97 13.31 1.51 -4.24
C ASP A 97 12.77 0.77 -5.46
N TYR A 98 13.44 -0.32 -5.82
CA TYR A 98 13.00 -1.21 -6.87
C TYR A 98 13.00 -2.66 -6.37
N ARG A 99 12.29 -3.54 -7.06
CA ARG A 99 12.11 -4.91 -6.58
C ARG A 99 11.96 -5.92 -7.71
N PRO A 100 12.64 -7.07 -7.59
CA PRO A 100 12.47 -8.19 -8.52
C PRO A 100 11.05 -8.75 -8.49
N LYS A 101 10.57 -9.22 -9.64
CA LYS A 101 9.20 -9.72 -9.75
C LYS A 101 9.05 -11.14 -9.21
N TYR A 102 10.04 -11.97 -9.47
CA TYR A 102 9.99 -13.37 -9.03
C TYR A 102 10.95 -13.62 -7.87
N VAL A 103 10.74 -14.74 -7.18
CA VAL A 103 11.61 -15.13 -6.08
C VAL A 103 12.27 -16.47 -6.38
N HIS A 104 12.40 -16.78 -7.67
CA HIS A 104 13.01 -18.02 -8.10
C HIS A 104 13.49 -17.94 -9.54
N VAL A 116 17.52 -10.94 -17.26
CA VAL A 116 17.42 -12.18 -16.51
C VAL A 116 16.67 -11.96 -15.20
N ILE A 117 16.73 -10.73 -14.69
CA ILE A 117 15.98 -10.36 -13.50
C ILE A 117 14.98 -9.25 -13.81
N GLU A 118 13.70 -9.59 -13.81
CA GLU A 118 12.66 -8.61 -14.08
C GLU A 118 12.34 -7.78 -12.85
N LEU A 119 12.42 -6.47 -13.00
CA LEU A 119 12.17 -5.55 -11.88
C LEU A 119 10.76 -4.96 -11.94
N GLU A 120 10.10 -4.88 -10.78
CA GLU A 120 8.80 -4.26 -10.69
C GLU A 120 8.86 -3.02 -9.80
N ARG A 121 7.90 -2.12 -9.98
CA ARG A 121 7.84 -0.90 -9.19
C ARG A 121 7.35 -1.18 -7.77
N THR A 122 8.04 -0.64 -6.79
CA THR A 122 7.62 -0.79 -5.40
C THR A 122 6.72 0.39 -5.02
N VAL A 123 5.94 0.23 -3.96
CA VAL A 123 5.03 1.27 -3.52
C VAL A 123 5.79 2.40 -2.82
N ASP A 124 5.64 3.61 -3.31
CA ASP A 124 6.29 4.78 -2.73
C ASP A 124 5.78 5.04 -1.32
N ILE A 125 6.69 5.01 -0.35
CA ILE A 125 6.33 5.20 1.05
C ILE A 125 5.86 6.63 1.31
N LEU A 126 6.66 7.59 0.89
CA LEU A 126 6.38 9.00 1.14
C LEU A 126 5.13 9.47 0.41
N LYS A 127 4.91 8.95 -0.80
CA LYS A 127 3.72 9.29 -1.57
C LYS A 127 2.47 8.75 -0.88
N THR A 128 2.56 7.53 -0.38
CA THR A 128 1.45 6.89 0.32
C THR A 128 1.09 7.68 1.57
N LEU A 129 2.10 8.02 2.37
CA LEU A 129 1.90 8.77 3.61
C LEU A 129 1.29 10.14 3.34
N GLY A 130 1.67 10.75 2.23
CA GLY A 130 1.16 12.05 1.86
C GLY A 130 -0.31 12.02 1.49
N GLU A 131 -0.73 10.92 0.86
CA GLU A 131 -2.12 10.78 0.42
C GLU A 131 -3.06 10.49 1.59
N LYS A 133 -2.36 11.44 4.72
CA LYS A 133 -1.90 12.31 5.80
C LYS A 133 -3.05 13.08 6.43
N ASP A 134 -3.03 13.17 7.76
CA ASP A 134 -4.02 13.95 8.48
C ASP A 134 -3.35 15.18 9.10
N LYS A 135 -2.77 15.01 10.29
CA LYS A 135 -2.14 16.11 11.01
C LYS A 135 -0.64 15.89 11.19
N GLN A 136 -0.13 14.76 10.69
CA GLN A 136 1.27 14.42 10.86
C GLN A 136 2.17 15.31 9.99
N LEU A 137 3.42 15.48 10.44
CA LEU A 137 4.41 16.19 9.66
C LEU A 137 5.30 15.20 8.90
N LEU A 138 5.47 15.43 7.60
CA LEU A 138 6.27 14.54 6.78
C LEU A 138 7.61 15.16 6.42
N ILE A 139 8.69 14.50 6.83
CA ILE A 139 10.03 14.97 6.53
C ILE A 139 10.74 13.96 5.61
N GLY A 140 11.25 14.45 4.49
CA GLY A 140 11.91 13.58 3.53
C GLY A 140 13.33 14.00 3.23
N PHE A 141 14.06 13.12 2.54
CA PHE A 141 15.45 13.40 2.17
C PHE A 141 15.64 13.36 0.65
N ALA A 142 16.71 13.98 0.18
CA ALA A 142 17.04 13.99 -1.23
C ALA A 142 18.53 14.16 -1.44
N ALA A 143 19.10 13.40 -2.38
CA ALA A 143 20.52 13.48 -2.67
C ALA A 143 20.76 13.50 -4.18
N GLU A 144 21.04 14.69 -4.70
CA GLU A 144 21.24 14.85 -6.14
C GLU A 144 22.54 15.61 -6.45
N THR A 145 23.07 15.38 -7.65
CA THR A 145 24.28 16.06 -8.09
C THR A 145 23.95 17.22 -9.03
N THR A 146 22.69 17.29 -9.45
CA THR A 146 22.25 18.35 -10.36
C THR A 146 20.80 18.74 -10.07
N ASN A 147 20.50 20.02 -10.24
CA ASN A 147 19.17 20.57 -9.98
C ASN A 147 18.66 20.21 -8.60
N VAL A 148 19.49 20.47 -7.59
CA VAL A 148 19.17 20.12 -6.21
C VAL A 148 17.94 20.85 -5.70
N GLU A 149 17.93 22.17 -5.85
CA GLU A 149 16.83 23.01 -5.41
C GLU A 149 15.52 22.64 -6.11
N GLU A 150 15.62 22.44 -7.42
CA GLU A 150 14.44 22.13 -8.24
C GLU A 150 13.84 20.77 -7.89
N TYR A 151 14.70 19.77 -7.72
CA TYR A 151 14.24 18.42 -7.39
C TYR A 151 13.66 18.35 -5.99
N ALA A 152 14.35 18.96 -5.03
CA ALA A 152 13.92 18.94 -3.63
C ALA A 152 12.59 19.68 -3.47
N THR A 153 12.43 20.78 -4.21
CA THR A 153 11.19 21.54 -4.19
C THR A 153 10.06 20.74 -4.84
N LYS A 154 10.37 20.09 -5.96
CA LYS A 154 9.41 19.28 -6.66
C LYS A 154 8.91 18.13 -5.79
N LYS A 155 9.85 17.48 -5.10
CA LYS A 155 9.52 16.38 -4.20
C LYS A 155 8.73 16.89 -3.00
N LEU A 156 9.04 18.10 -2.56
CA LEU A 156 8.36 18.71 -1.43
C LEU A 156 6.88 18.93 -1.70
N ARG A 157 6.56 19.30 -2.94
CA ARG A 157 5.18 19.60 -3.32
C ARG A 157 4.44 18.36 -3.80
N GLU A 158 5.15 17.49 -4.52
CA GLU A 158 4.54 16.28 -5.08
C GLU A 158 4.13 15.28 -4.00
N LYS A 159 4.98 15.11 -3.00
CA LYS A 159 4.75 14.10 -1.97
C LYS A 159 3.94 14.63 -0.79
N ASN A 160 3.51 15.89 -0.90
CA ASN A 160 2.77 16.55 0.18
C ASN A 160 3.55 16.51 1.49
N ALA A 161 4.79 17.00 1.45
CA ALA A 161 5.67 16.96 2.62
C ALA A 161 5.84 18.33 3.24
N ASN A 162 6.37 18.35 4.47
CA ASN A 162 6.57 19.60 5.19
C ASN A 162 8.00 20.12 5.06
N ILE A 164 12.03 18.94 3.06
CA ILE A 164 12.93 18.04 2.34
C ILE A 164 14.38 18.38 2.63
N VAL A 165 15.12 17.42 3.17
CA VAL A 165 16.52 17.62 3.49
C VAL A 165 17.41 17.18 2.34
N ALA A 166 18.13 18.14 1.75
CA ALA A 166 18.99 17.86 0.60
C ALA A 166 20.44 17.66 1.02
N ASN A 167 21.09 16.68 0.40
CA ASN A 167 22.49 16.37 0.71
C ASN A 167 23.44 16.76 -0.42
N ASP A 168 24.73 16.59 -0.17
CA ASP A 168 25.75 16.90 -1.16
C ASP A 168 25.73 15.91 -2.33
N THR A 180 30.53 13.48 8.39
CA THR A 180 30.47 14.88 7.97
C THR A 180 29.51 15.04 6.79
N ASN A 181 28.68 16.08 6.85
CA ASN A 181 27.68 16.32 5.82
C ASN A 181 27.51 17.81 5.49
N ILE A 182 27.10 18.09 4.26
CA ILE A 182 26.71 19.43 3.86
C ILE A 182 25.24 19.42 3.47
N VAL A 183 24.39 19.98 4.33
CA VAL A 183 22.95 19.82 4.20
C VAL A 183 22.20 21.14 3.96
N THR A 184 21.27 21.11 3.02
CA THR A 184 20.35 22.22 2.80
C THR A 184 18.91 21.77 3.02
N TYR A 186 14.75 22.37 2.92
CA TYR A 186 13.68 23.09 2.22
C TYR A 186 12.33 22.87 2.91
N ARG A 187 11.83 23.92 3.56
CA ARG A 187 10.57 23.81 4.29
C ARG A 187 9.37 24.10 3.40
N LYS A 188 8.19 23.66 3.83
CA LYS A 188 6.96 23.80 3.06
C LYS A 188 6.58 25.27 2.88
N ASP A 189 6.86 26.09 3.89
CA ASP A 189 6.47 27.49 3.86
C ASP A 189 7.29 28.30 2.86
N GLY A 190 8.31 27.66 2.29
CA GLY A 190 9.12 28.29 1.25
C GLY A 190 10.52 28.67 1.69
N GLU A 191 10.77 28.56 2.99
CA GLU A 191 12.07 28.94 3.54
C GLU A 191 13.16 27.95 3.17
N VAL A 192 14.38 28.45 2.99
CA VAL A 192 15.51 27.61 2.62
C VAL A 192 16.68 27.82 3.59
N ILE A 193 17.11 26.76 4.24
CA ILE A 193 18.19 26.83 5.21
C ILE A 193 19.37 25.96 4.81
N GLU A 194 20.50 26.59 4.51
CA GLU A 194 21.72 25.87 4.18
C GLU A 194 22.62 25.76 5.41
N LEU A 195 23.32 24.63 5.53
CA LEU A 195 24.21 24.39 6.65
C LEU A 195 25.65 24.19 6.19
N PRO A 196 26.62 24.51 7.06
CA PRO A 196 28.03 24.23 6.76
C PRO A 196 28.37 22.75 6.96
N LEU A 197 29.65 22.44 7.00
CA LEU A 197 30.08 21.06 7.22
C LEU A 197 29.81 20.64 8.67
N LEU A 198 28.87 19.72 8.85
CA LEU A 198 28.48 19.27 10.18
C LEU A 198 28.51 17.76 10.30
N THR A 199 28.62 17.26 11.53
CA THR A 199 28.50 15.84 11.79
C THR A 199 27.03 15.44 11.67
N LYS A 200 26.77 14.14 11.58
CA LYS A 200 25.40 13.65 11.42
C LYS A 200 24.54 14.01 12.63
N LYS A 201 25.15 14.02 13.81
CA LYS A 201 24.44 14.35 15.03
C LYS A 201 24.07 15.84 15.06
N GLU A 202 24.96 16.67 14.52
CA GLU A 202 24.70 18.10 14.42
C GLU A 202 23.54 18.37 13.47
N VAL A 203 23.57 17.71 12.31
CA VAL A 203 22.50 17.82 11.33
C VAL A 203 21.18 17.36 11.93
N ALA A 204 21.24 16.28 12.70
CA ALA A 204 20.06 15.74 13.38
C ALA A 204 19.42 16.77 14.30
N ARG A 205 20.26 17.52 15.01
CA ARG A 205 19.78 18.55 15.92
C ARG A 205 19.10 19.69 15.17
N GLU A 206 19.70 20.11 14.06
CA GLU A 206 19.15 21.18 13.24
C GLU A 206 17.80 20.78 12.67
N ILE A 207 17.69 19.51 12.27
CA ILE A 207 16.43 18.99 11.73
C ILE A 207 15.34 18.99 12.79
N LEU A 208 15.65 18.44 13.96
CA LEU A 208 14.69 18.34 15.06
C LEU A 208 14.33 19.72 15.61
N LYS A 209 15.25 20.67 15.47
CA LYS A 209 14.97 22.06 15.82
C LYS A 209 13.91 22.63 14.90
N GLN A 210 14.05 22.36 13.60
CA GLN A 210 13.08 22.81 12.61
C GLN A 210 11.73 22.17 12.82
N ILE A 211 11.73 20.88 13.15
CA ILE A 211 10.50 20.13 13.40
C ILE A 211 9.78 20.68 14.64
N GLU A 212 10.57 21.04 15.66
CA GLU A 212 10.03 21.60 16.88
C GLU A 212 9.21 22.86 16.60
N LEU A 215 5.81 22.22 14.80
CA LEU A 215 4.82 21.72 15.75
C LEU A 215 4.17 22.86 16.51
N GLU A 216 4.88 23.99 16.63
CA GLU A 216 4.34 25.16 17.30
C GLU A 216 3.48 25.99 16.36
N ASP A 217 3.80 25.93 15.07
CA ASP A 217 3.03 26.65 14.05
C ASP A 217 1.60 26.14 13.99
N ASP A 218 1.41 24.86 14.29
CA ASP A 218 0.09 24.24 14.27
C ASP A 218 -0.68 24.54 15.55
N LEU B 4 -22.84 -9.59 9.97
CA LEU B 4 -21.88 -8.67 9.38
C LEU B 4 -22.01 -7.28 9.96
N GLN B 5 -22.79 -7.16 11.04
CA GLN B 5 -23.03 -5.88 11.67
C GLN B 5 -21.77 -5.30 12.29
N GLY B 6 -21.36 -4.13 11.81
CA GLY B 6 -20.19 -3.45 12.33
C GLY B 6 -18.89 -3.91 11.71
N LYS B 7 -18.97 -4.89 10.81
CA LYS B 7 -17.79 -5.41 10.14
C LYS B 7 -17.36 -4.53 8.97
N ARG B 8 -16.05 -4.36 8.82
CA ARG B 8 -15.49 -3.55 7.75
C ARG B 8 -15.11 -4.42 6.55
N ILE B 9 -15.72 -4.14 5.40
CA ILE B 9 -15.45 -4.91 4.20
C ILE B 9 -15.02 -4.03 3.03
N LEU B 10 -13.85 -4.29 2.49
CA LEU B 10 -13.38 -3.57 1.30
C LEU B 10 -13.60 -4.43 0.06
N ILE B 11 -14.14 -3.81 -0.99
CA ILE B 11 -14.44 -4.53 -2.22
C ILE B 11 -13.83 -3.82 -3.43
N THR B 12 -13.12 -4.58 -4.26
CA THR B 12 -12.60 -4.05 -5.51
C THR B 12 -13.49 -4.51 -6.65
N ALA B 13 -13.80 -3.60 -7.58
CA ALA B 13 -14.68 -3.91 -8.69
C ALA B 13 -14.37 -3.06 -9.92
N GLY B 14 -14.77 -3.54 -11.08
CA GLY B 14 -14.55 -2.81 -12.33
C GLY B 14 -13.20 -3.13 -12.96
N PRO B 15 -12.96 -2.60 -14.16
CA PRO B 15 -11.71 -2.81 -14.89
C PRO B 15 -10.64 -1.81 -14.50
N THR B 16 -9.42 -2.00 -15.00
CA THR B 16 -8.35 -1.04 -14.80
C THR B 16 -7.84 -0.55 -16.14
N ARG B 17 -7.40 0.71 -16.19
CA ARG B 17 -6.88 1.30 -17.42
C ARG B 17 -5.38 1.49 -17.34
N GLU B 18 -4.67 1.01 -18.35
CA GLU B 18 -3.22 1.15 -18.41
C GLU B 18 -2.81 1.99 -19.61
N LYS B 19 -2.22 3.15 -19.36
CA LYS B 19 -1.85 4.08 -20.42
C LYS B 19 -0.75 3.52 -21.33
N ILE B 20 -0.98 3.63 -22.63
CA ILE B 20 0.02 3.28 -23.63
C ILE B 20 0.61 4.56 -24.21
N ASP B 21 -0.26 5.56 -24.35
CA ASP B 21 0.09 6.83 -24.96
C ASP B 21 -0.58 7.96 -24.18
N PRO B 22 -0.27 9.22 -24.49
CA PRO B 22 -1.08 10.29 -23.89
C PRO B 22 -2.52 10.27 -24.37
N VAL B 23 -2.79 9.54 -25.45
CA VAL B 23 -4.15 9.47 -26.00
C VAL B 23 -4.65 8.03 -26.12
N ARG B 24 -3.81 7.06 -25.75
CA ARG B 24 -4.19 5.66 -25.88
C ARG B 24 -4.03 4.89 -24.56
N PHE B 25 -4.91 3.92 -24.34
CA PHE B 25 -4.82 3.06 -23.16
C PHE B 25 -5.48 1.71 -23.43
N THR B 27 -7.49 -1.66 -21.41
CA THR B 27 -8.23 -1.94 -20.19
C THR B 27 -8.56 -3.42 -20.03
N ASN B 28 -7.93 -4.06 -19.04
CA ASN B 28 -8.27 -5.42 -18.67
C ASN B 28 -9.70 -5.45 -18.15
N PHE B 29 -10.65 -5.69 -19.05
CA PHE B 29 -12.06 -5.46 -18.77
C PHE B 29 -12.71 -6.53 -17.92
N SER B 30 -13.45 -6.07 -16.91
CA SER B 30 -14.39 -6.89 -16.14
C SER B 30 -15.51 -5.96 -15.64
N SER B 31 -16.75 -6.39 -15.80
CA SER B 31 -17.95 -5.56 -15.63
C SER B 31 -17.93 -4.62 -14.42
N GLY B 32 -17.81 -5.19 -13.23
CA GLY B 32 -17.93 -4.41 -12.01
C GLY B 32 -19.31 -4.61 -11.40
N LYS B 33 -20.15 -5.32 -12.14
CA LYS B 33 -21.52 -5.61 -11.74
C LYS B 33 -21.55 -6.41 -10.44
N GLY B 35 -19.13 -6.82 -8.07
CA GLY B 35 -18.59 -6.08 -6.95
C GLY B 35 -19.56 -5.05 -6.38
N TYR B 36 -20.27 -4.37 -7.27
CA TYR B 36 -21.28 -3.39 -6.85
C TYR B 36 -22.47 -4.10 -6.20
N ALA B 37 -22.79 -5.29 -6.70
CA ALA B 37 -23.88 -6.08 -6.15
C ALA B 37 -23.54 -6.55 -4.74
N ILE B 38 -22.31 -7.00 -4.56
CA ILE B 38 -21.84 -7.45 -3.25
C ILE B 38 -21.86 -6.29 -2.26
N ALA B 39 -21.47 -5.10 -2.73
CA ALA B 39 -21.45 -3.91 -1.89
C ALA B 39 -22.85 -3.55 -1.38
N GLU B 40 -23.85 -3.71 -2.24
CA GLU B 40 -25.23 -3.38 -1.89
C GLU B 40 -25.80 -4.37 -0.88
N VAL B 41 -25.50 -5.65 -1.06
CA VAL B 41 -25.98 -6.69 -0.15
C VAL B 41 -25.26 -6.58 1.19
N ALA B 42 -23.99 -6.19 1.14
CA ALA B 42 -23.18 -6.09 2.35
C ALA B 42 -23.70 -5.01 3.31
N VAL B 43 -24.01 -3.84 2.78
CA VAL B 43 -24.52 -2.75 3.61
C VAL B 43 -25.93 -3.05 4.11
N ASN B 44 -26.65 -3.92 3.39
CA ASN B 44 -27.97 -4.34 3.81
C ASN B 44 -27.90 -5.28 5.01
N LEU B 45 -26.76 -5.93 5.16
CA LEU B 45 -26.56 -6.86 6.27
C LEU B 45 -25.88 -6.17 7.45
N GLY B 46 -25.69 -4.86 7.33
CA GLY B 46 -25.17 -4.06 8.44
C GLY B 46 -23.67 -3.86 8.43
N ALA B 47 -23.04 -4.05 7.27
CA ALA B 47 -21.58 -3.91 7.17
C ALA B 47 -21.18 -2.52 6.70
N GLU B 48 -20.01 -2.07 7.15
CA GLU B 48 -19.42 -0.82 6.68
C GLU B 48 -18.52 -1.11 5.49
N VAL B 49 -18.87 -0.58 4.33
CA VAL B 49 -18.26 -1.02 3.08
C VAL B 49 -17.43 0.06 2.37
N ILE B 50 -16.21 -0.30 1.98
CA ILE B 50 -15.37 0.54 1.16
C ILE B 50 -15.26 -0.07 -0.24
N LEU B 51 -15.64 0.71 -1.26
CA LEU B 51 -15.64 0.21 -2.63
C LEU B 51 -14.57 0.87 -3.47
N VAL B 52 -13.49 0.14 -3.74
CA VAL B 52 -12.44 0.61 -4.64
C VAL B 52 -12.79 0.20 -6.06
N SER B 53 -13.26 1.18 -6.85
CA SER B 53 -13.80 0.89 -8.17
C SER B 53 -12.98 1.47 -9.31
N GLY B 54 -12.77 0.67 -10.35
CA GLY B 54 -12.20 1.16 -11.59
C GLY B 54 -13.28 1.86 -12.38
N PRO B 55 -12.91 2.45 -13.53
CA PRO B 55 -13.86 3.22 -14.35
C PRO B 55 -15.03 2.38 -14.85
N THR B 56 -16.23 2.75 -14.44
CA THR B 56 -17.44 2.05 -14.86
C THR B 56 -18.59 3.04 -15.05
N ALA B 57 -19.67 2.57 -15.67
CA ALA B 57 -20.85 3.40 -15.88
C ALA B 57 -21.86 3.18 -14.76
N LEU B 58 -21.55 2.25 -13.86
CA LEU B 58 -22.42 1.96 -12.73
C LEU B 58 -22.40 3.07 -11.70
N ASN B 59 -23.51 3.27 -11.02
CA ASN B 59 -23.61 4.28 -9.98
C ASN B 59 -23.11 3.76 -8.63
N PRO B 60 -22.33 4.59 -7.92
CA PRO B 60 -21.87 4.24 -6.57
C PRO B 60 -23.04 3.97 -5.62
N PRO B 61 -23.11 2.75 -5.07
CA PRO B 61 -24.20 2.32 -4.19
C PRO B 61 -24.39 3.22 -2.97
N LEU B 62 -25.60 3.23 -2.43
CA LEU B 62 -25.90 4.04 -1.25
C LEU B 62 -25.17 3.51 -0.02
N HIS B 63 -24.84 4.43 0.89
CA HIS B 63 -24.21 4.10 2.17
C HIS B 63 -22.85 3.41 2.00
N VAL B 64 -22.22 3.64 0.85
CA VAL B 64 -20.92 3.03 0.57
C VAL B 64 -19.86 4.10 0.29
N THR B 65 -18.69 3.95 0.92
CA THR B 65 -17.57 4.83 0.64
C THR B 65 -16.83 4.35 -0.61
N THR B 66 -17.02 5.07 -1.71
CA THR B 66 -16.45 4.66 -2.99
C THR B 66 -15.16 5.39 -3.33
N VAL B 67 -14.13 4.62 -3.69
CA VAL B 67 -12.86 5.19 -4.12
C VAL B 67 -12.61 4.89 -5.59
N GLN B 68 -12.63 5.92 -6.42
CA GLN B 68 -12.42 5.76 -7.85
C GLN B 68 -10.93 5.65 -8.19
N VAL B 69 -10.57 4.59 -8.90
CA VAL B 69 -9.19 4.37 -9.32
C VAL B 69 -9.12 4.14 -10.82
N GLU B 70 -7.92 4.34 -11.39
CA GLU B 70 -7.74 4.23 -12.83
C GLU B 70 -6.98 2.96 -13.20
N SER B 71 -5.72 2.88 -12.78
CA SER B 71 -4.87 1.76 -13.11
C SER B 71 -4.84 0.71 -12.01
N ALA B 72 -4.19 -0.43 -12.30
CA ALA B 72 -4.06 -1.50 -11.33
C ALA B 72 -3.20 -1.06 -10.14
N GLN B 73 -2.20 -0.23 -10.42
CA GLN B 73 -1.34 0.31 -9.38
C GLN B 73 -2.13 1.26 -8.49
N ASP B 74 -3.01 2.06 -9.09
CA ASP B 74 -3.89 2.95 -8.34
C ASP B 74 -4.78 2.14 -7.41
N LEU B 76 -4.22 -0.91 -6.27
CA LEU B 76 -3.39 -1.53 -5.25
C LEU B 76 -3.12 -0.58 -4.09
N GLU B 77 -2.69 0.63 -4.42
CA GLU B 77 -2.35 1.62 -3.41
C GLU B 77 -3.58 2.06 -2.62
N ALA B 78 -4.75 2.04 -3.28
CA ALA B 78 -6.00 2.38 -2.62
C ALA B 78 -6.37 1.34 -1.58
N VAL B 79 -6.18 0.07 -1.92
CA VAL B 79 -6.48 -1.03 -1.00
C VAL B 79 -5.50 -1.05 0.16
N ILE B 80 -4.23 -0.81 -0.13
CA ILE B 80 -3.18 -0.78 0.88
C ILE B 80 -3.46 0.30 1.93
N GLN B 81 -3.99 1.44 1.49
CA GLN B 81 -4.28 2.54 2.40
C GLN B 81 -5.45 2.25 3.33
N HIS B 82 -6.22 1.21 3.03
CA HIS B 82 -7.37 0.85 3.85
C HIS B 82 -7.27 -0.55 4.46
N TYR B 83 -6.29 -1.32 4.01
CA TYR B 83 -6.22 -2.75 4.32
C TYR B 83 -6.14 -3.07 5.81
N GLN B 84 -5.39 -2.27 6.56
CA GLN B 84 -5.20 -2.54 7.98
C GLN B 84 -6.41 -2.14 8.82
N ASN B 85 -7.39 -1.51 8.18
CA ASN B 85 -8.58 -1.07 8.90
C ASN B 85 -9.85 -1.79 8.46
N VAL B 86 -9.69 -2.90 7.75
CA VAL B 86 -10.83 -3.70 7.32
C VAL B 86 -10.76 -5.12 7.86
N ASP B 87 -11.87 -5.83 7.82
CA ASP B 87 -11.93 -7.19 8.31
C ASP B 87 -11.96 -8.19 7.16
N VAL B 88 -12.58 -7.79 6.06
CA VAL B 88 -12.71 -8.64 4.88
C VAL B 88 -12.33 -7.89 3.61
N VAL B 89 -11.59 -8.55 2.73
CA VAL B 89 -11.28 -7.98 1.42
C VAL B 89 -11.79 -8.89 0.30
N ILE B 90 -12.60 -8.33 -0.58
CA ILE B 90 -13.16 -9.10 -1.69
C ILE B 90 -12.69 -8.55 -3.03
N LYS B 91 -11.77 -9.28 -3.67
CA LYS B 91 -11.31 -8.91 -5.00
C LYS B 91 -12.15 -9.62 -6.06
N THR B 92 -12.92 -8.84 -6.81
CA THR B 92 -13.89 -9.40 -7.75
C THR B 92 -13.35 -9.55 -9.18
N ALA B 93 -12.22 -8.90 -9.45
CA ALA B 93 -11.61 -8.95 -10.78
C ALA B 93 -11.22 -10.38 -11.16
N ALA B 94 -11.90 -10.93 -12.15
CA ALA B 94 -11.66 -12.30 -12.58
C ALA B 94 -10.41 -12.41 -13.45
N VAL B 95 -10.09 -11.34 -14.18
CA VAL B 95 -8.96 -11.36 -15.10
C VAL B 95 -7.67 -10.88 -14.44
N ALA B 96 -6.55 -11.28 -15.02
CA ALA B 96 -5.25 -10.79 -14.58
C ALA B 96 -4.88 -9.55 -15.38
N ASP B 97 -4.41 -8.52 -14.70
CA ASP B 97 -4.16 -7.23 -15.34
C ASP B 97 -2.78 -7.18 -16.01
N TYR B 98 -2.78 -6.90 -17.31
CA TYR B 98 -1.54 -6.67 -18.04
C TYR B 98 -1.32 -5.18 -18.22
N ARG B 99 -0.11 -4.79 -18.65
CA ARG B 99 0.26 -3.38 -18.70
C ARG B 99 1.50 -3.16 -19.57
N PRO B 100 1.50 -2.08 -20.36
CA PRO B 100 2.69 -1.69 -21.13
C PRO B 100 3.89 -1.41 -20.22
N LYS B 101 5.05 -1.94 -20.58
CA LYS B 101 6.26 -1.75 -19.79
C LYS B 101 6.69 -0.28 -19.76
N TYR B 102 6.45 0.41 -20.87
CA TYR B 102 6.76 1.84 -20.97
C TYR B 102 5.52 2.64 -21.33
N VAL B 103 5.50 3.90 -20.91
CA VAL B 103 4.35 4.77 -21.17
C VAL B 103 4.87 6.02 -21.89
N HIS B 104 5.62 5.77 -22.96
CA HIS B 104 6.16 6.76 -23.90
C HIS B 104 6.36 8.18 -23.37
N ILE B 117 2.23 -2.07 -26.57
CA ILE B 117 2.78 -3.08 -27.45
C ILE B 117 3.70 -4.04 -26.68
N GLU B 118 4.55 -3.49 -25.83
CA GLU B 118 5.42 -4.30 -24.98
C GLU B 118 4.77 -4.48 -23.61
N LEU B 119 4.16 -5.65 -23.40
CA LEU B 119 3.36 -5.88 -22.21
C LEU B 119 4.17 -6.22 -20.96
N GLU B 120 3.44 -6.35 -19.85
CA GLU B 120 4.01 -6.63 -18.54
C GLU B 120 2.89 -6.92 -17.56
N ARG B 121 2.96 -8.05 -16.88
CA ARG B 121 1.95 -8.43 -15.90
C ARG B 121 2.04 -7.55 -14.67
N THR B 122 0.92 -6.97 -14.25
CA THR B 122 0.89 -6.06 -13.12
C THR B 122 1.05 -6.78 -11.79
N VAL B 123 1.14 -6.00 -10.73
CA VAL B 123 1.21 -6.55 -9.37
C VAL B 123 -0.10 -7.24 -9.03
N ASP B 124 -0.02 -8.50 -8.61
CA ASP B 124 -1.20 -9.22 -8.16
C ASP B 124 -1.64 -8.68 -6.80
N ILE B 125 -2.84 -8.12 -6.76
CA ILE B 125 -3.37 -7.53 -5.54
C ILE B 125 -3.52 -8.57 -4.43
N LEU B 126 -4.15 -9.68 -4.77
CA LEU B 126 -4.46 -10.73 -3.80
C LEU B 126 -3.19 -11.34 -3.20
N LYS B 127 -2.18 -11.52 -4.03
CA LYS B 127 -0.90 -12.07 -3.56
C LYS B 127 -0.23 -11.14 -2.57
N THR B 128 -0.22 -9.85 -2.91
CA THR B 128 0.37 -8.82 -2.05
C THR B 128 -0.36 -8.76 -0.72
N LEU B 129 -1.69 -8.75 -0.79
CA LEU B 129 -2.52 -8.72 0.42
C LEU B 129 -2.30 -9.95 1.28
N GLY B 130 -2.06 -11.09 0.63
CA GLY B 130 -1.80 -12.34 1.34
C GLY B 130 -0.51 -12.28 2.14
N GLU B 131 0.46 -11.54 1.61
CA GLU B 131 1.75 -11.39 2.28
C GLU B 131 1.65 -10.37 3.42
N LYS B 133 -1.15 -9.96 4.95
CA LYS B 133 -2.33 -10.42 5.67
C LYS B 133 -2.10 -10.59 7.17
N ASP B 134 -2.95 -9.94 7.96
CA ASP B 134 -2.91 -10.07 9.41
C ASP B 134 -4.03 -11.00 9.87
N LYS B 135 -5.21 -10.43 10.10
CA LYS B 135 -6.36 -11.22 10.53
C LYS B 135 -7.54 -11.05 9.56
N GLN B 136 -7.29 -10.39 8.43
CA GLN B 136 -8.33 -10.14 7.45
C GLN B 136 -8.67 -11.40 6.66
N LEU B 137 -9.93 -11.51 6.25
CA LEU B 137 -10.34 -12.58 5.35
C LEU B 137 -10.15 -12.13 3.90
N LEU B 138 -9.54 -12.99 3.09
CA LEU B 138 -9.28 -12.65 1.70
C LEU B 138 -10.13 -13.48 0.74
N ILE B 139 -11.00 -12.82 0.00
CA ILE B 139 -11.87 -13.48 -0.96
C ILE B 139 -11.49 -13.09 -2.38
N GLY B 140 -11.16 -14.07 -3.20
CA GLY B 140 -10.76 -13.81 -4.57
C GLY B 140 -11.66 -14.50 -5.58
N PHE B 141 -11.55 -14.10 -6.84
CA PHE B 141 -12.32 -14.69 -7.92
C PHE B 141 -11.44 -15.40 -8.93
N ALA B 142 -12.00 -16.38 -9.61
CA ALA B 142 -11.26 -17.16 -10.61
C ALA B 142 -11.82 -16.92 -12.00
N VAL B 148 -10.10 -26.48 -13.21
CA VAL B 148 -10.50 -25.29 -12.50
C VAL B 148 -10.34 -25.49 -10.98
N GLU B 149 -10.68 -26.69 -10.50
CA GLU B 149 -10.55 -27.01 -9.09
C GLU B 149 -9.08 -27.06 -8.68
N GLU B 150 -8.23 -27.47 -9.60
CA GLU B 150 -6.79 -27.50 -9.36
C GLU B 150 -6.22 -26.10 -9.29
N TYR B 151 -6.75 -25.20 -10.12
CA TYR B 151 -6.30 -23.81 -10.16
C TYR B 151 -6.76 -23.04 -8.93
N ALA B 152 -7.99 -23.28 -8.51
CA ALA B 152 -8.56 -22.59 -7.35
C ALA B 152 -7.87 -23.00 -6.07
N THR B 153 -7.59 -24.29 -5.94
CA THR B 153 -6.91 -24.82 -4.76
C THR B 153 -5.49 -24.28 -4.66
N LYS B 154 -4.82 -24.20 -5.80
CA LYS B 154 -3.45 -23.68 -5.86
C LYS B 154 -3.44 -22.18 -5.57
N LYS B 155 -4.50 -21.49 -6.00
CA LYS B 155 -4.61 -20.05 -5.80
C LYS B 155 -4.82 -19.73 -4.32
N LEU B 156 -5.58 -20.57 -3.64
CA LEU B 156 -5.83 -20.42 -2.21
C LEU B 156 -4.54 -20.48 -1.40
N ARG B 157 -3.63 -21.35 -1.82
CA ARG B 157 -2.36 -21.53 -1.13
C ARG B 157 -1.35 -20.45 -1.49
N GLU B 158 -1.25 -20.16 -2.79
CA GLU B 158 -0.27 -19.18 -3.28
C GLU B 158 -0.61 -17.76 -2.85
N LYS B 159 -1.89 -17.41 -2.91
CA LYS B 159 -2.31 -16.05 -2.60
C LYS B 159 -2.76 -15.90 -1.14
N ASN B 160 -2.64 -16.98 -0.38
CA ASN B 160 -3.03 -17.01 1.03
C ASN B 160 -4.48 -16.57 1.22
N ALA B 161 -5.35 -17.03 0.33
CA ALA B 161 -6.75 -16.63 0.35
C ALA B 161 -7.60 -17.57 1.19
N ASN B 162 -8.78 -17.09 1.59
CA ASN B 162 -9.70 -17.88 2.39
C ASN B 162 -10.76 -18.57 1.53
N ILE B 164 -11.91 -18.92 -2.90
CA ILE B 164 -11.84 -18.55 -4.31
C ILE B 164 -13.18 -18.81 -4.99
N VAL B 165 -13.75 -17.78 -5.59
CA VAL B 165 -15.05 -17.89 -6.25
C VAL B 165 -14.88 -18.00 -7.76
N ALA B 166 -15.39 -19.10 -8.33
CA ALA B 166 -15.28 -19.33 -9.76
C ALA B 166 -16.62 -19.16 -10.46
N ASN B 167 -16.67 -18.23 -11.41
CA ASN B 167 -17.90 -17.99 -12.17
C ASN B 167 -17.78 -18.56 -13.58
N ASP B 168 -18.66 -19.49 -13.92
CA ASP B 168 -18.63 -20.15 -15.23
C ASP B 168 -19.03 -19.17 -16.33
N VAL B 169 -18.10 -18.88 -17.23
CA VAL B 169 -18.33 -17.94 -18.33
C VAL B 169 -19.38 -18.47 -19.30
N LYS B 170 -19.34 -19.77 -19.56
CA LYS B 170 -20.25 -20.40 -20.53
C LYS B 170 -21.71 -20.33 -20.10
N ALA B 171 -21.95 -20.00 -18.83
CA ALA B 171 -23.30 -19.93 -18.30
C ALA B 171 -23.93 -18.55 -18.48
N GLN B 172 -23.15 -17.62 -19.03
CA GLN B 172 -23.63 -16.26 -19.25
C GLN B 172 -24.72 -16.21 -20.31
N GLY B 173 -25.83 -15.57 -19.98
CA GLY B 173 -26.96 -15.45 -20.90
C GLY B 173 -27.64 -16.78 -21.14
N ALA B 174 -27.74 -17.59 -20.08
CA ALA B 174 -28.36 -18.91 -20.18
C ALA B 174 -29.87 -18.79 -20.36
N GLY B 175 -30.41 -19.55 -21.31
CA GLY B 175 -31.83 -19.49 -21.63
C GLY B 175 -32.20 -18.16 -22.24
N PHE B 176 -31.23 -17.54 -22.92
CA PHE B 176 -31.39 -16.22 -23.52
C PHE B 176 -31.84 -15.19 -22.49
N GLY B 177 -31.25 -15.26 -21.31
CA GLY B 177 -31.51 -14.30 -20.25
C GLY B 177 -30.39 -13.28 -20.17
N THR B 178 -30.46 -12.40 -19.18
CA THR B 178 -29.45 -11.35 -19.03
C THR B 178 -28.55 -11.61 -17.83
N ASP B 179 -29.15 -11.84 -16.68
CA ASP B 179 -28.38 -12.03 -15.45
C ASP B 179 -28.41 -13.48 -14.99
N THR B 180 -27.63 -14.32 -15.68
CA THR B 180 -27.55 -15.74 -15.35
C THR B 180 -26.11 -16.13 -14.99
N ASN B 181 -25.93 -16.69 -13.79
CA ASN B 181 -24.59 -17.04 -13.32
C ASN B 181 -24.55 -18.40 -12.63
N ILE B 182 -23.61 -19.23 -13.06
CA ILE B 182 -23.33 -20.49 -12.36
C ILE B 182 -21.99 -20.39 -11.64
N VAL B 183 -22.05 -20.39 -10.31
CA VAL B 183 -20.89 -20.10 -9.50
C VAL B 183 -20.51 -21.26 -8.57
N THR B 184 -19.22 -21.60 -8.55
CA THR B 184 -18.70 -22.61 -7.63
C THR B 184 -17.71 -21.98 -6.66
N TYR B 186 -14.89 -22.26 -3.83
CA TYR B 186 -13.87 -23.11 -3.24
C TYR B 186 -13.32 -22.47 -1.96
N ARG B 187 -13.59 -23.12 -0.83
CA ARG B 187 -13.15 -22.58 0.47
C ARG B 187 -11.79 -23.11 0.89
N LYS B 188 -11.20 -22.47 1.90
CA LYS B 188 -9.88 -22.84 2.39
C LYS B 188 -9.90 -24.20 3.09
N ASP B 189 -11.03 -24.55 3.68
CA ASP B 189 -11.16 -25.82 4.38
C ASP B 189 -11.50 -26.97 3.43
N GLY B 190 -11.38 -26.73 2.14
CA GLY B 190 -11.61 -27.75 1.14
C GLY B 190 -13.06 -27.88 0.73
N GLU B 191 -13.93 -27.09 1.34
CA GLU B 191 -15.36 -27.15 1.05
C GLU B 191 -15.66 -26.58 -0.33
N VAL B 192 -16.12 -27.45 -1.23
CA VAL B 192 -16.50 -27.04 -2.58
C VAL B 192 -18.02 -26.97 -2.70
N ILE B 193 -18.55 -25.76 -2.80
CA ILE B 193 -19.99 -25.57 -2.87
C ILE B 193 -20.44 -25.05 -4.23
N GLU B 194 -21.19 -25.87 -4.94
CA GLU B 194 -21.69 -25.52 -6.26
C GLU B 194 -23.07 -24.87 -6.18
N LEU B 195 -23.17 -23.67 -6.74
CA LEU B 195 -24.43 -22.92 -6.73
C LEU B 195 -25.20 -23.10 -8.03
N PRO B 196 -26.54 -23.08 -7.96
CA PRO B 196 -27.38 -23.16 -9.16
C PRO B 196 -27.37 -21.86 -9.96
N LEU B 197 -28.16 -21.81 -11.02
CA LEU B 197 -28.25 -20.61 -11.85
C LEU B 197 -28.89 -19.47 -11.05
N LEU B 198 -28.10 -18.45 -10.77
CA LEU B 198 -28.56 -17.33 -9.96
C LEU B 198 -28.19 -15.98 -10.56
N THR B 199 -28.81 -14.92 -10.04
CA THR B 199 -28.45 -13.56 -10.42
C THR B 199 -27.23 -13.14 -9.61
N LYS B 200 -26.59 -12.04 -10.01
CA LYS B 200 -25.39 -11.58 -9.34
C LYS B 200 -25.67 -11.16 -7.90
N LYS B 201 -26.84 -10.60 -7.65
CA LYS B 201 -27.22 -10.19 -6.31
C LYS B 201 -27.53 -11.43 -5.46
N GLU B 202 -28.00 -12.48 -6.10
CA GLU B 202 -28.25 -13.75 -5.42
C GLU B 202 -26.94 -14.45 -5.06
N VAL B 203 -25.99 -14.42 -6.01
CA VAL B 203 -24.67 -14.96 -5.77
C VAL B 203 -23.97 -14.17 -4.68
N ALA B 204 -24.18 -12.86 -4.69
CA ALA B 204 -23.60 -11.97 -3.68
C ALA B 204 -24.07 -12.34 -2.28
N ARG B 205 -25.33 -12.75 -2.17
CA ARG B 205 -25.89 -13.16 -0.89
C ARG B 205 -25.24 -14.44 -0.39
N GLU B 206 -24.96 -15.36 -1.31
CA GLU B 206 -24.35 -16.64 -0.96
C GLU B 206 -22.90 -16.45 -0.52
N ILE B 207 -22.19 -15.55 -1.19
CA ILE B 207 -20.80 -15.25 -0.85
C ILE B 207 -20.70 -14.65 0.54
N LEU B 208 -21.56 -13.68 0.84
CA LEU B 208 -21.56 -13.02 2.13
C LEU B 208 -22.08 -13.93 3.24
N LYS B 209 -22.86 -14.93 2.87
CA LYS B 209 -23.33 -15.92 3.83
C LYS B 209 -22.19 -16.83 4.26
N GLN B 210 -21.23 -17.02 3.36
CA GLN B 210 -20.05 -17.81 3.65
C GLN B 210 -19.04 -17.00 4.46
N ILE B 211 -18.94 -15.72 4.15
CA ILE B 211 -18.04 -14.82 4.86
C ILE B 211 -18.46 -14.68 6.32
N GLU B 212 -19.77 -14.59 6.56
CA GLU B 212 -20.29 -14.46 7.91
C GLU B 212 -19.95 -15.70 8.74
N LEU B 215 -16.35 -15.56 9.65
CA LEU B 215 -16.21 -14.58 10.71
C LEU B 215 -16.77 -15.10 12.02
N GLU B 216 -17.77 -15.97 11.92
CA GLU B 216 -18.41 -16.56 13.10
C GLU B 216 -17.51 -17.60 13.75
N ASP B 217 -16.60 -18.18 12.96
CA ASP B 217 -15.67 -19.18 13.46
C ASP B 217 -14.55 -18.55 14.28
N ASP B 218 -14.52 -17.22 14.30
CA ASP B 218 -13.55 -16.48 15.11
C ASP B 218 -14.28 -15.56 16.09
#